data_5ULV
#
_entry.id   5ULV
#
_cell.length_a   108.995
_cell.length_b   108.995
_cell.length_c   104.659
_cell.angle_alpha   90.00
_cell.angle_beta   90.00
_cell.angle_gamma   120.00
#
_symmetry.space_group_name_H-M   'P 64 2 2'
#
loop_
_entity.id
_entity.type
_entity.pdbx_description
1 polymer 'Malate dehydrogenase'
2 non-polymer 'CALCIUM ION'
3 water water
#
_entity_poly.entity_id   1
_entity_poly.type   'polypeptide(L)'
_entity_poly.pdbx_seq_one_letter_code
;MARSKIALIGAGQIGGTLAHLAGLKELGDVVLFDIVDGVPQGKALDIAESAPVDGFDAKYSGASDYSAIAGADVVIVTAG
VPRKPGMSRDDLIGINLKVMEAVGAGIKEHAPDAFVICITNPLDAMVWALQKFSGLPTNKVVGMAGVLDSARFRHFLAEE
FGVSVEDVTAFVLGGHGDDMVPLTRYSTVAGVPLTDLVKLGWTTQEKLDAMVERTRKGGGEIVNLLKTGSAFYAPAASAI
AMAESYLRDKKRVLPCAAYLDGQYGIDGLYVGVPVVIGENGVERVLEVTFNDDEKAMFEKSVNSVKGLIEACKSVNDKLA
;
_entity_poly.pdbx_strand_id   A
#
loop_
_chem_comp.id
_chem_comp.type
_chem_comp.name
_chem_comp.formula
CA non-polymer 'CALCIUM ION' 'Ca 2'
#
# COMPACT_ATOMS: atom_id res chain seq x y z
N ALA A 2 -18.09 -0.99 -20.45
CA ALA A 2 -17.24 0.14 -20.08
C ALA A 2 -15.81 -0.40 -19.83
N ARG A 3 -14.79 0.43 -20.13
CA ARG A 3 -13.49 0.16 -19.60
C ARG A 3 -13.53 0.14 -18.08
N SER A 4 -12.59 -0.51 -17.44
CA SER A 4 -12.44 -0.33 -16.00
C SER A 4 -12.23 1.14 -15.62
N LYS A 5 -12.65 1.47 -14.42
CA LYS A 5 -12.62 2.88 -13.88
C LYS A 5 -11.83 2.87 -12.58
N ILE A 6 -10.76 3.69 -12.51
CA ILE A 6 -9.94 3.82 -11.34
C ILE A 6 -10.09 5.23 -10.82
N ALA A 7 -10.50 5.36 -9.56
CA ALA A 7 -10.59 6.66 -8.91
C ALA A 7 -9.46 6.79 -7.93
N LEU A 8 -8.82 7.95 -7.97
CA LEU A 8 -7.71 8.26 -7.17
C LEU A 8 -8.08 9.43 -6.25
N ILE A 9 -8.20 9.12 -4.95
CA ILE A 9 -8.64 10.11 -3.94
CA ILE A 9 -8.64 10.14 -4.00
C ILE A 9 -7.39 10.73 -3.37
N GLY A 10 -7.03 11.90 -3.86
CA GLY A 10 -5.79 12.58 -3.54
C GLY A 10 -4.97 12.72 -4.82
N ALA A 11 -4.62 13.96 -5.18
CA ALA A 11 -3.93 14.26 -6.39
C ALA A 11 -2.57 14.85 -6.20
N GLY A 12 -1.91 14.48 -5.11
CA GLY A 12 -0.58 14.82 -4.83
C GLY A 12 0.39 13.96 -5.60
N GLN A 13 1.64 13.89 -5.12
CA GLN A 13 2.71 13.27 -5.96
C GLN A 13 2.42 11.79 -6.14
N ILE A 14 1.99 11.10 -5.08
CA ILE A 14 1.60 9.68 -5.29
C ILE A 14 0.43 9.56 -6.20
N GLY A 15 -0.62 10.35 -6.01
CA GLY A 15 -1.80 10.31 -6.86
C GLY A 15 -1.49 10.52 -8.32
N GLY A 16 -0.69 11.52 -8.64
CA GLY A 16 -0.30 11.82 -10.00
C GLY A 16 0.47 10.63 -10.60
N THR A 17 1.35 10.04 -9.84
CA THR A 17 2.15 8.93 -10.32
C THR A 17 1.27 7.69 -10.55
N LEU A 18 0.29 7.47 -9.65
CA LEU A 18 -0.71 6.42 -9.89
C LEU A 18 -1.45 6.62 -11.20
N ALA A 19 -1.87 7.86 -11.45
CA ALA A 19 -2.60 8.16 -12.62
C ALA A 19 -1.75 7.93 -13.87
N HIS A 20 -0.46 8.31 -13.80
CA HIS A 20 0.42 8.13 -14.96
C HIS A 20 0.63 6.64 -15.22
N LEU A 21 0.95 5.88 -14.17
CA LEU A 21 1.14 4.43 -14.31
C LEU A 21 -0.11 3.73 -14.87
N ALA A 22 -1.27 4.15 -14.38
CA ALA A 22 -2.50 3.49 -14.85
C ALA A 22 -2.73 3.70 -16.34
N GLY A 23 -2.34 4.86 -16.87
CA GLY A 23 -2.38 5.13 -18.30
C GLY A 23 -1.37 4.27 -19.04
N LEU A 24 -0.11 4.35 -18.63
CA LEU A 24 0.94 3.60 -19.29
C LEU A 24 0.67 2.09 -19.36
N LYS A 25 0.07 1.57 -18.31
CA LYS A 25 -0.29 0.17 -18.22
C LYS A 25 -1.68 -0.19 -18.75
N GLU A 26 -2.39 0.80 -19.31
CA GLU A 26 -3.65 0.66 -19.98
C GLU A 26 -4.68 -0.05 -19.08
N LEU A 27 -4.69 0.32 -17.80
CA LEU A 27 -5.59 -0.29 -16.84
C LEU A 27 -7.02 0.20 -16.91
N GLY A 28 -7.23 1.37 -17.51
CA GLY A 28 -8.58 1.88 -17.65
C GLY A 28 -8.65 3.38 -17.55
N ASP A 29 -9.88 3.86 -17.34
CA ASP A 29 -10.09 5.26 -17.27
C ASP A 29 -9.80 5.73 -15.83
N VAL A 30 -9.43 6.99 -15.65
CA VAL A 30 -8.92 7.52 -14.41
C VAL A 30 -9.64 8.83 -14.05
N VAL A 31 -10.09 8.86 -12.79
CA VAL A 31 -10.62 10.08 -12.20
C VAL A 31 -9.70 10.42 -11.02
N LEU A 32 -9.15 11.64 -11.06
CA LEU A 32 -8.37 12.21 -10.00
C LEU A 32 -9.31 13.10 -9.18
N PHE A 33 -9.39 12.86 -7.87
CA PHE A 33 -10.22 13.61 -6.94
C PHE A 33 -9.36 14.33 -5.95
N ASP A 34 -9.73 15.60 -5.64
CA ASP A 34 -9.15 16.22 -4.46
C ASP A 34 -10.15 17.32 -4.04
N ILE A 35 -9.86 17.91 -2.88
CA ILE A 35 -10.90 18.71 -2.26
C ILE A 35 -11.13 20.06 -2.96
N VAL A 36 -10.08 20.61 -3.53
CA VAL A 36 -10.09 21.89 -4.23
C VAL A 36 -9.87 21.66 -5.72
N ASP A 37 -10.71 22.24 -6.56
CA ASP A 37 -10.46 22.18 -8.02
C ASP A 37 -9.12 22.77 -8.39
N GLY A 38 -8.60 22.26 -9.52
CA GLY A 38 -7.44 22.81 -10.09
C GLY A 38 -6.41 21.72 -10.36
N VAL A 39 -5.78 21.31 -9.30
CA VAL A 39 -4.68 20.34 -9.43
C VAL A 39 -5.22 19.02 -10.02
N PRO A 40 -6.32 18.50 -9.54
CA PRO A 40 -6.75 17.23 -10.16
C PRO A 40 -7.02 17.36 -11.64
N GLN A 41 -7.75 18.41 -12.03
CA GLN A 41 -8.04 18.63 -13.44
C GLN A 41 -6.77 18.89 -14.29
N GLY A 42 -5.79 19.60 -13.73
CA GLY A 42 -4.52 19.92 -14.43
C GLY A 42 -3.73 18.66 -14.65
N LYS A 43 -3.56 17.87 -13.62
CA LYS A 43 -2.75 16.61 -13.77
C LYS A 43 -3.46 15.68 -14.68
N ALA A 44 -4.80 15.55 -14.57
CA ALA A 44 -5.54 14.70 -15.48
C ALA A 44 -5.32 15.10 -16.96
N LEU A 45 -5.46 16.38 -17.24
CA LEU A 45 -5.32 16.86 -18.61
C LEU A 45 -3.87 16.68 -19.12
N ASP A 46 -2.91 16.96 -18.24
CA ASP A 46 -1.47 16.77 -18.61
C ASP A 46 -1.21 15.29 -18.99
N ILE A 47 -1.68 14.35 -18.21
CA ILE A 47 -1.50 12.92 -18.56
C ILE A 47 -2.29 12.57 -19.79
N ALA A 48 -3.54 13.05 -19.90
CA ALA A 48 -4.32 12.84 -21.13
C ALA A 48 -3.55 13.29 -22.35
N GLU A 49 -2.93 14.46 -22.24
CA GLU A 49 -2.18 15.04 -23.33
C GLU A 49 -0.90 14.26 -23.67
N SER A 50 -0.37 13.51 -22.70
CA SER A 50 0.79 12.63 -22.93
C SER A 50 0.41 11.39 -23.75
N ALA A 51 -0.86 10.98 -23.64
CA ALA A 51 -1.26 9.68 -24.08
C ALA A 51 -0.98 9.38 -25.58
N PRO A 52 -1.12 10.36 -26.46
CA PRO A 52 -0.81 10.05 -27.86
C PRO A 52 0.61 9.64 -28.12
N VAL A 53 1.50 10.05 -27.24
CA VAL A 53 2.92 9.68 -27.47
C VAL A 53 3.12 8.16 -27.37
N ASP A 54 2.59 7.44 -26.36
N ASP A 54 2.54 7.59 -26.33
CA ASP A 54 2.69 5.92 -26.34
CA ASP A 54 2.68 6.18 -26.05
C ASP A 54 1.51 5.17 -26.89
C ASP A 54 1.52 5.28 -26.49
N GLY A 55 0.43 5.90 -27.04
CA GLY A 55 -0.72 5.30 -27.68
C GLY A 55 -1.68 4.64 -26.75
N PHE A 56 -1.74 5.05 -25.47
CA PHE A 56 -2.79 4.51 -24.58
C PHE A 56 -4.10 5.27 -24.71
N ASP A 57 -5.22 4.55 -24.79
CA ASP A 57 -6.56 5.19 -24.84
C ASP A 57 -7.23 5.06 -23.48
N ALA A 58 -7.37 6.19 -22.82
CA ALA A 58 -7.90 6.26 -21.42
C ALA A 58 -8.49 7.62 -21.24
N LYS A 59 -9.67 7.68 -20.63
CA LYS A 59 -10.25 8.93 -20.26
C LYS A 59 -9.70 9.40 -18.94
N TYR A 60 -9.31 10.67 -18.84
CA TYR A 60 -8.82 11.25 -17.63
C TYR A 60 -9.67 12.45 -17.26
N SER A 61 -9.98 12.56 -16.00
CA SER A 61 -10.70 13.76 -15.53
C SER A 61 -10.30 14.05 -14.11
N GLY A 62 -10.54 15.29 -13.69
CA GLY A 62 -10.32 15.71 -12.34
C GLY A 62 -11.64 16.18 -11.77
N ALA A 63 -11.78 16.04 -10.48
CA ALA A 63 -13.08 16.35 -9.82
C ALA A 63 -12.85 16.67 -8.37
N SER A 64 -13.79 17.45 -7.80
CA SER A 64 -13.86 17.68 -6.34
C SER A 64 -15.21 17.30 -5.71
N ASP A 65 -16.00 16.54 -6.42
CA ASP A 65 -17.28 15.98 -5.96
CA ASP A 65 -17.25 15.96 -5.95
C ASP A 65 -17.17 14.45 -6.03
N TYR A 66 -17.54 13.73 -4.95
CA TYR A 66 -17.52 12.25 -4.98
C TYR A 66 -18.40 11.61 -6.02
N SER A 67 -19.45 12.30 -6.53
CA SER A 67 -20.23 11.76 -7.60
C SER A 67 -19.35 11.33 -8.81
N ALA A 68 -18.21 11.99 -8.98
CA ALA A 68 -17.34 11.70 -10.08
C ALA A 68 -16.69 10.29 -10.02
N ILE A 69 -16.66 9.72 -8.82
CA ILE A 69 -16.04 8.36 -8.66
C ILE A 69 -17.06 7.25 -8.89
N ALA A 70 -18.33 7.60 -9.24
CA ALA A 70 -19.34 6.61 -9.36
C ALA A 70 -18.96 5.41 -10.17
N GLY A 71 -19.18 4.25 -9.59
CA GLY A 71 -18.98 2.97 -10.23
C GLY A 71 -17.52 2.58 -10.40
N ALA A 72 -16.64 3.30 -9.74
CA ALA A 72 -15.16 2.96 -9.80
C ALA A 72 -14.93 1.52 -9.43
N ASP A 73 -14.13 0.85 -10.24
CA ASP A 73 -13.77 -0.55 -9.97
C ASP A 73 -12.67 -0.65 -8.91
N VAL A 74 -11.80 0.34 -8.88
CA VAL A 74 -10.73 0.46 -7.89
C VAL A 74 -10.67 1.90 -7.44
N VAL A 75 -10.53 2.07 -6.15
CA VAL A 75 -10.28 3.40 -5.54
C VAL A 75 -8.98 3.35 -4.79
N ILE A 76 -8.06 4.28 -5.04
CA ILE A 76 -6.82 4.38 -4.33
C ILE A 76 -6.75 5.67 -3.60
N VAL A 77 -6.62 5.56 -2.28
CA VAL A 77 -6.71 6.70 -1.32
C VAL A 77 -5.38 7.15 -0.86
N THR A 78 -5.02 8.40 -1.19
CA THR A 78 -3.79 9.00 -0.70
C THR A 78 -4.12 10.31 0.06
N ALA A 79 -5.37 10.56 0.25
CA ALA A 79 -5.83 11.83 0.87
C ALA A 79 -5.28 11.89 2.33
N GLY A 80 -5.26 13.09 2.87
CA GLY A 80 -4.76 13.28 4.21
C GLY A 80 -3.43 14.00 4.24
N VAL A 81 -2.92 14.17 5.45
CA VAL A 81 -1.68 14.91 5.68
C VAL A 81 -0.58 13.90 6.05
N PRO A 82 0.68 14.27 5.78
CA PRO A 82 1.84 13.47 6.24
C PRO A 82 2.20 13.83 7.69
N ARG A 83 2.93 12.95 8.39
CA ARG A 83 3.44 13.27 9.75
C ARG A 83 4.50 14.40 9.64
N LYS A 84 4.28 15.49 10.37
CA LYS A 84 5.13 16.71 10.29
C LYS A 84 6.40 16.62 11.17
N PRO A 85 7.23 17.70 11.19
CA PRO A 85 8.27 17.66 12.24
C PRO A 85 7.70 17.84 13.67
N GLY A 86 6.65 18.66 13.84
CA GLY A 86 6.15 19.02 15.18
C GLY A 86 4.71 18.72 15.56
N MET A 87 4.16 17.58 15.08
CA MET A 87 2.79 17.13 15.43
C MET A 87 2.83 15.71 16.02
N SER A 88 1.95 15.45 17.00
CA SER A 88 1.86 14.12 17.65
C SER A 88 1.15 13.05 16.76
N ARG A 89 1.38 11.76 17.08
CA ARG A 89 0.60 10.67 16.47
C ARG A 89 -0.90 10.95 16.63
N ASP A 90 -1.30 11.43 17.79
CA ASP A 90 -2.70 11.73 18.08
C ASP A 90 -3.29 12.83 17.19
N ASP A 91 -2.53 13.89 16.91
CA ASP A 91 -3.02 14.98 16.04
C ASP A 91 -3.07 14.47 14.57
N LEU A 92 -2.07 13.67 14.16
CA LEU A 92 -2.08 13.00 12.82
C LEU A 92 -3.32 12.10 12.67
N ILE A 93 -3.44 11.16 13.59
CA ILE A 93 -4.63 10.36 13.65
C ILE A 93 -5.84 11.26 13.68
N GLY A 94 -5.82 12.37 14.44
CA GLY A 94 -7.02 13.24 14.55
C GLY A 94 -7.52 13.84 13.25
N ILE A 95 -6.55 14.37 12.52
CA ILE A 95 -6.82 15.01 11.24
C ILE A 95 -7.18 13.96 10.19
N ASN A 96 -6.37 12.91 10.15
CA ASN A 96 -6.55 11.93 9.06
C ASN A 96 -7.74 11.04 9.27
N LEU A 97 -8.17 10.74 10.51
CA LEU A 97 -9.44 10.07 10.69
C LEU A 97 -10.66 10.81 10.11
N LYS A 98 -10.69 12.13 10.26
CA LYS A 98 -11.77 12.90 9.67
C LYS A 98 -11.76 12.87 8.15
N VAL A 99 -10.54 12.81 7.60
CA VAL A 99 -10.37 12.63 6.16
C VAL A 99 -10.98 11.26 5.79
N MET A 100 -10.61 10.22 6.52
CA MET A 100 -11.16 8.87 6.22
C MET A 100 -12.67 8.82 6.34
N GLU A 101 -13.26 9.58 7.29
CA GLU A 101 -14.71 9.62 7.35
C GLU A 101 -15.39 10.19 6.11
N ALA A 102 -14.83 11.26 5.59
CA ALA A 102 -15.33 11.90 4.42
C ALA A 102 -15.16 11.03 3.14
N VAL A 103 -13.95 10.44 3.10
CA VAL A 103 -13.63 9.53 1.96
C VAL A 103 -14.52 8.32 2.01
N GLY A 104 -14.67 7.74 3.21
CA GLY A 104 -15.45 6.54 3.34
C GLY A 104 -16.90 6.75 3.01
N ALA A 105 -17.43 7.93 3.37
CA ALA A 105 -18.78 8.25 2.97
C ALA A 105 -18.97 8.46 1.46
N GLY A 106 -17.96 9.01 0.77
CA GLY A 106 -18.07 9.13 -0.67
C GLY A 106 -18.01 7.78 -1.40
N ILE A 107 -17.14 6.88 -0.90
CA ILE A 107 -17.05 5.56 -1.46
C ILE A 107 -18.34 4.76 -1.22
N LYS A 108 -18.85 4.88 0.02
CA LYS A 108 -20.11 4.20 0.38
C LYS A 108 -21.25 4.55 -0.56
N GLU A 109 -21.39 5.86 -0.86
CA GLU A 109 -22.48 6.36 -1.67
C GLU A 109 -22.26 6.07 -3.13
N HIS A 110 -21.02 6.23 -3.62
CA HIS A 110 -20.83 6.28 -5.03
C HIS A 110 -20.01 5.10 -5.69
N ALA A 111 -19.21 4.40 -4.89
CA ALA A 111 -18.49 3.24 -5.43
C ALA A 111 -18.49 2.10 -4.44
N PRO A 112 -19.69 1.65 -4.03
CA PRO A 112 -19.73 0.66 -3.00
C PRO A 112 -19.16 -0.72 -3.41
N ASP A 113 -19.02 -1.01 -4.70
N ASP A 113 -19.00 -0.98 -4.70
CA ASP A 113 -18.48 -2.30 -5.15
CA ASP A 113 -18.49 -2.25 -5.17
C ASP A 113 -16.97 -2.19 -5.41
C ASP A 113 -17.01 -2.11 -5.58
N ALA A 114 -16.37 -1.02 -5.15
CA ALA A 114 -14.90 -0.84 -5.45
C ALA A 114 -14.03 -1.74 -4.60
N PHE A 115 -12.89 -2.11 -5.19
CA PHE A 115 -11.75 -2.54 -4.38
C PHE A 115 -10.94 -1.32 -3.98
N VAL A 116 -10.79 -1.12 -2.69
CA VAL A 116 -10.18 0.08 -2.13
C VAL A 116 -8.79 -0.20 -1.59
N ILE A 117 -7.82 0.60 -2.05
CA ILE A 117 -6.44 0.52 -1.58
C ILE A 117 -6.11 1.82 -0.87
N CYS A 118 -5.83 1.70 0.43
CA CYS A 118 -5.48 2.84 1.27
C CYS A 118 -3.97 3.04 1.35
N ILE A 119 -3.52 4.30 1.24
N ILE A 119 -3.52 4.29 1.26
CA ILE A 119 -2.12 4.74 1.43
CA ILE A 119 -2.09 4.61 1.45
C ILE A 119 -2.16 6.11 2.14
C ILE A 119 -1.92 5.60 2.64
N THR A 120 -3.00 6.21 3.11
CA THR A 120 -2.97 7.31 4.13
C THR A 120 -2.39 6.76 5.43
N ASN A 121 -1.49 7.55 6.03
CA ASN A 121 -0.83 7.23 7.28
C ASN A 121 -1.55 7.69 8.53
N PRO A 122 -1.41 7.00 9.65
CA PRO A 122 -0.65 5.75 9.79
C PRO A 122 -1.54 4.61 9.25
N LEU A 123 -0.91 3.87 8.36
CA LEU A 123 -1.58 2.95 7.42
C LEU A 123 -2.43 1.93 8.13
N ASP A 124 -1.87 1.20 9.07
CA ASP A 124 -2.69 0.12 9.66
C ASP A 124 -3.97 0.59 10.37
N ALA A 125 -3.93 1.77 10.98
CA ALA A 125 -5.09 2.43 11.50
C ALA A 125 -6.06 3.08 10.49
N MET A 126 -5.51 3.77 9.50
CA MET A 126 -6.38 4.45 8.55
C MET A 126 -7.19 3.47 7.68
N VAL A 127 -6.58 2.33 7.32
CA VAL A 127 -7.31 1.42 6.49
C VAL A 127 -8.48 0.78 7.30
N TRP A 128 -8.17 0.45 8.55
CA TRP A 128 -9.18 -0.09 9.49
C TRP A 128 -10.37 0.88 9.64
N ALA A 129 -10.03 2.14 9.78
CA ALA A 129 -11.01 3.19 9.85
C ALA A 129 -11.78 3.40 8.60
N LEU A 130 -11.10 3.43 7.46
CA LEU A 130 -11.77 3.58 6.19
C LEU A 130 -12.76 2.46 5.92
N GLN A 131 -12.39 1.20 6.26
CA GLN A 131 -13.29 0.14 6.05
C GLN A 131 -14.58 0.35 6.92
N LYS A 132 -14.34 0.66 8.20
CA LYS A 132 -15.47 0.93 9.12
C LYS A 132 -16.33 2.08 8.66
N PHE A 133 -15.70 3.19 8.27
CA PHE A 133 -16.54 4.30 7.79
C PHE A 133 -17.32 3.99 6.52
N SER A 134 -16.67 3.41 5.53
CA SER A 134 -17.32 3.06 4.30
C SER A 134 -18.36 1.93 4.33
N GLY A 135 -18.18 0.99 5.26
CA GLY A 135 -19.02 -0.24 5.31
C GLY A 135 -18.77 -1.26 4.25
N LEU A 136 -17.69 -1.09 3.47
CA LEU A 136 -17.47 -2.05 2.42
C LEU A 136 -17.02 -3.40 3.00
N PRO A 137 -17.18 -4.45 2.23
CA PRO A 137 -16.71 -5.72 2.74
C PRO A 137 -15.24 -5.70 3.10
N THR A 138 -14.87 -6.38 4.16
CA THR A 138 -13.50 -6.28 4.67
C THR A 138 -12.53 -6.81 3.61
N ASN A 139 -12.94 -7.78 2.80
N ASN A 139 -12.93 -7.76 2.79
CA ASN A 139 -12.05 -8.36 1.74
CA ASN A 139 -12.02 -8.31 1.75
C ASN A 139 -11.82 -7.41 0.57
C ASN A 139 -11.97 -7.49 0.48
N LYS A 140 -12.58 -6.30 0.51
CA LYS A 140 -12.51 -5.30 -0.55
C LYS A 140 -11.77 -4.03 -0.18
N VAL A 141 -11.18 -3.97 1.01
CA VAL A 141 -10.42 -2.82 1.46
C VAL A 141 -9.09 -3.35 1.95
N VAL A 142 -7.98 -2.81 1.44
CA VAL A 142 -6.64 -3.18 1.82
C VAL A 142 -5.77 -1.95 1.93
N GLY A 143 -4.64 -2.08 2.57
CA GLY A 143 -3.65 -1.04 2.70
C GLY A 143 -2.37 -1.45 1.97
N MET A 144 -1.78 -0.47 1.32
CA MET A 144 -0.44 -0.64 0.73
C MET A 144 0.63 -0.31 1.73
N ALA A 145 1.45 -1.32 2.05
CA ALA A 145 2.64 -1.12 2.84
C ALA A 145 3.71 -2.10 2.52
N GLY A 146 3.41 -3.35 2.70
CA GLY A 146 4.43 -4.37 2.52
C GLY A 146 5.04 -4.45 1.18
N VAL A 147 4.28 -4.20 0.12
CA VAL A 147 4.86 -4.31 -1.24
C VAL A 147 6.02 -3.29 -1.34
N LEU A 148 5.82 -2.11 -0.75
CA LEU A 148 6.85 -1.07 -0.79
C LEU A 148 8.10 -1.52 -0.03
N ASP A 149 7.93 -2.05 1.19
CA ASP A 149 9.10 -2.54 1.93
C ASP A 149 9.79 -3.67 1.16
N SER A 150 8.99 -4.57 0.59
CA SER A 150 9.52 -5.66 -0.24
CA SER A 150 9.56 -5.67 -0.21
C SER A 150 10.31 -5.15 -1.44
N ALA A 151 9.79 -4.12 -2.09
CA ALA A 151 10.44 -3.54 -3.29
C ALA A 151 11.80 -2.91 -2.84
N ARG A 152 11.83 -2.16 -1.75
CA ARG A 152 13.09 -1.56 -1.32
C ARG A 152 14.08 -2.66 -0.96
N PHE A 153 13.70 -3.69 -0.20
CA PHE A 153 14.58 -4.75 0.21
C PHE A 153 15.11 -5.51 -1.04
N ARG A 154 14.23 -5.79 -2.01
CA ARG A 154 14.67 -6.39 -3.29
C ARG A 154 15.71 -5.57 -4.02
N HIS A 155 15.53 -4.25 -4.05
CA HIS A 155 16.54 -3.37 -4.64
C HIS A 155 17.91 -3.52 -3.92
N PHE A 156 17.86 -3.49 -2.61
CA PHE A 156 19.13 -3.58 -1.85
C PHE A 156 19.79 -4.96 -2.11
N LEU A 157 18.97 -6.01 -2.16
CA LEU A 157 19.49 -7.35 -2.36
C LEU A 157 20.06 -7.52 -3.75
N ALA A 158 19.37 -7.00 -4.75
CA ALA A 158 19.85 -7.13 -6.11
C ALA A 158 21.21 -6.39 -6.26
N GLU A 159 21.32 -5.24 -5.62
N GLU A 159 21.35 -5.25 -5.61
CA GLU A 159 22.58 -4.50 -5.57
CA GLU A 159 22.62 -4.50 -5.69
C GLU A 159 23.67 -5.39 -4.99
C GLU A 159 23.73 -5.24 -4.92
N GLU A 160 23.41 -5.93 -3.82
CA GLU A 160 24.41 -6.66 -3.02
C GLU A 160 24.90 -7.88 -3.77
N PHE A 161 24.00 -8.64 -4.41
CA PHE A 161 24.38 -9.82 -5.11
C PHE A 161 24.79 -9.58 -6.57
N GLY A 162 24.51 -8.40 -7.14
CA GLY A 162 24.79 -8.14 -8.52
C GLY A 162 24.00 -9.00 -9.44
N VAL A 163 22.70 -9.08 -9.17
CA VAL A 163 21.77 -9.88 -9.98
C VAL A 163 20.52 -9.03 -10.29
N SER A 164 19.74 -9.52 -11.26
CA SER A 164 18.52 -8.85 -11.68
C SER A 164 17.53 -8.73 -10.51
N VAL A 165 16.83 -7.61 -10.49
CA VAL A 165 15.72 -7.41 -9.55
C VAL A 165 14.62 -8.47 -9.80
N GLU A 166 14.56 -9.05 -10.99
CA GLU A 166 13.49 -10.03 -11.26
CA GLU A 166 13.52 -10.06 -11.31
C GLU A 166 13.68 -11.35 -10.51
N ASP A 167 14.90 -11.64 -10.04
CA ASP A 167 15.23 -12.91 -9.45
C ASP A 167 15.42 -12.81 -7.97
N VAL A 168 14.97 -11.68 -7.35
CA VAL A 168 15.01 -11.57 -5.91
C VAL A 168 13.56 -11.53 -5.36
N THR A 169 13.34 -12.20 -4.26
CA THR A 169 12.05 -12.21 -3.54
C THR A 169 12.31 -11.76 -2.11
N ALA A 170 11.46 -10.85 -1.57
CA ALA A 170 11.58 -10.44 -0.20
C ALA A 170 10.28 -10.79 0.51
N PHE A 171 10.41 -11.36 1.68
CA PHE A 171 9.24 -11.74 2.49
C PHE A 171 9.18 -10.81 3.70
N VAL A 172 8.12 -10.01 3.72
N VAL A 172 8.12 -9.99 3.74
CA VAL A 172 7.89 -9.16 4.86
CA VAL A 172 7.93 -8.97 4.79
C VAL A 172 6.45 -9.26 5.29
C VAL A 172 6.48 -8.89 5.26
N LEU A 173 6.26 -9.05 6.57
CA LEU A 173 4.94 -8.92 7.19
C LEU A 173 4.95 -7.68 8.05
N GLY A 174 3.77 -7.38 8.60
CA GLY A 174 3.72 -6.29 9.54
C GLY A 174 3.66 -4.95 8.90
N GLY A 175 4.20 -3.96 9.56
CA GLY A 175 4.19 -2.61 9.06
C GLY A 175 5.53 -2.10 8.68
N HIS A 176 5.73 -0.79 8.68
CA HIS A 176 7.05 -0.25 8.38
C HIS A 176 7.93 -0.07 9.63
N GLY A 177 9.21 0.15 9.41
CA GLY A 177 10.06 0.61 10.46
C GLY A 177 10.27 -0.46 11.49
N ASP A 178 10.10 -0.09 12.79
CA ASP A 178 10.24 -1.08 13.84
C ASP A 178 9.11 -2.12 13.86
N ASP A 179 8.00 -1.86 13.17
CA ASP A 179 6.89 -2.80 13.10
C ASP A 179 7.01 -3.78 11.93
N MET A 180 8.04 -3.63 11.11
CA MET A 180 8.29 -4.60 10.01
C MET A 180 8.75 -5.92 10.60
N VAL A 181 8.30 -7.01 9.95
CA VAL A 181 8.67 -8.35 10.35
C VAL A 181 9.23 -9.02 9.08
N PRO A 182 10.53 -8.93 8.86
CA PRO A 182 11.11 -9.59 7.72
C PRO A 182 11.39 -11.02 8.03
N LEU A 183 11.27 -11.89 7.04
CA LEU A 183 11.70 -13.28 7.15
C LEU A 183 12.80 -13.47 6.11
N THR A 184 14.06 -13.32 6.54
CA THR A 184 15.13 -13.50 5.55
C THR A 184 15.23 -14.91 5.02
N ARG A 185 14.73 -15.91 5.80
CA ARG A 185 14.72 -17.29 5.32
C ARG A 185 13.72 -17.58 4.22
N TYR A 186 12.71 -16.71 4.06
CA TYR A 186 11.74 -16.74 2.98
C TYR A 186 11.94 -15.67 1.97
N SER A 187 13.14 -15.04 2.02
CA SER A 187 13.58 -14.12 1.03
C SER A 187 14.69 -14.87 0.23
N THR A 188 14.71 -14.69 -1.11
CA THR A 188 15.54 -15.53 -1.93
C THR A 188 16.18 -14.80 -3.13
N VAL A 189 17.26 -15.42 -3.63
CA VAL A 189 17.74 -15.14 -4.98
C VAL A 189 17.58 -16.43 -5.75
N ALA A 190 16.76 -16.39 -6.78
CA ALA A 190 16.52 -17.56 -7.62
C ALA A 190 16.07 -18.76 -6.81
N GLY A 191 15.35 -18.51 -5.71
CA GLY A 191 14.82 -19.63 -4.88
C GLY A 191 15.70 -20.02 -3.71
N VAL A 192 16.94 -19.52 -3.70
CA VAL A 192 17.86 -19.80 -2.63
C VAL A 192 17.73 -18.81 -1.52
N PRO A 193 17.41 -19.26 -0.31
CA PRO A 193 17.13 -18.32 0.77
C PRO A 193 18.35 -17.48 1.09
N LEU A 194 18.10 -16.28 1.56
CA LEU A 194 19.20 -15.37 1.94
C LEU A 194 20.12 -15.98 3.01
N THR A 195 19.53 -16.73 3.94
CA THR A 195 20.23 -17.41 5.00
C THR A 195 21.21 -18.41 4.39
N ASP A 196 20.83 -19.10 3.32
CA ASP A 196 21.75 -20.00 2.64
C ASP A 196 22.82 -19.25 1.84
N LEU A 197 22.49 -18.07 1.31
CA LEU A 197 23.47 -17.28 0.54
C LEU A 197 24.57 -16.81 1.49
N VAL A 198 24.24 -16.50 2.73
CA VAL A 198 25.32 -16.18 3.72
C VAL A 198 26.20 -17.39 3.87
N LYS A 199 25.64 -18.60 4.01
CA LYS A 199 26.46 -19.79 4.19
C LYS A 199 27.37 -20.05 2.96
N LEU A 200 26.88 -19.72 1.76
CA LEU A 200 27.69 -19.84 0.53
C LEU A 200 28.73 -18.77 0.37
N GLY A 201 28.71 -17.76 1.22
CA GLY A 201 29.62 -16.63 1.08
C GLY A 201 29.27 -15.61 0.04
N TRP A 202 28.03 -15.68 -0.54
CA TRP A 202 27.58 -14.66 -1.47
C TRP A 202 27.35 -13.31 -0.81
N THR A 203 27.10 -13.32 0.51
CA THR A 203 27.09 -12.10 1.29
C THR A 203 27.51 -12.46 2.69
N THR A 204 27.42 -11.51 3.58
CA THR A 204 27.74 -11.78 4.95
C THR A 204 26.58 -11.54 5.86
N GLN A 205 26.60 -12.07 7.09
CA GLN A 205 25.54 -11.78 8.01
C GLN A 205 25.39 -10.31 8.31
N GLU A 206 26.50 -9.59 8.44
CA GLU A 206 26.46 -8.18 8.78
C GLU A 206 25.83 -7.37 7.65
N LYS A 207 26.18 -7.72 6.42
CA LYS A 207 25.56 -7.08 5.22
C LYS A 207 24.07 -7.33 5.14
N LEU A 208 23.68 -8.54 5.42
CA LEU A 208 22.25 -8.92 5.42
C LEU A 208 21.51 -8.16 6.48
N ASP A 209 22.03 -8.13 7.68
CA ASP A 209 21.40 -7.37 8.75
C ASP A 209 21.30 -5.89 8.40
N ALA A 210 22.33 -5.34 7.72
CA ALA A 210 22.30 -3.96 7.37
C ALA A 210 21.23 -3.64 6.31
N MET A 211 21.01 -4.62 5.39
CA MET A 211 19.93 -4.42 4.38
C MET A 211 18.57 -4.49 5.03
N VAL A 212 18.40 -5.36 6.00
CA VAL A 212 17.13 -5.43 6.72
C VAL A 212 16.89 -4.06 7.42
N GLU A 213 17.92 -3.56 8.09
CA GLU A 213 17.77 -2.27 8.79
C GLU A 213 17.54 -1.13 7.84
N ARG A 214 18.19 -1.18 6.69
CA ARG A 214 17.97 -0.15 5.64
C ARG A 214 16.52 -0.18 5.16
N THR A 215 15.94 -1.34 5.04
CA THR A 215 14.54 -1.48 4.68
C THR A 215 13.66 -0.85 5.76
N ARG A 216 13.96 -1.12 7.01
CA ARG A 216 13.18 -0.52 8.09
C ARG A 216 13.19 1.00 7.99
N LYS A 217 14.34 1.56 7.69
CA LYS A 217 14.55 3.02 7.67
C LYS A 217 14.26 3.62 6.32
N GLY A 218 13.78 2.79 5.36
CA GLY A 218 13.81 3.21 3.97
C GLY A 218 13.02 4.46 3.59
N GLY A 219 11.85 4.64 4.22
CA GLY A 219 11.05 5.84 3.96
C GLY A 219 11.75 7.09 4.45
N GLY A 220 12.31 6.99 5.66
CA GLY A 220 13.09 8.15 6.12
C GLY A 220 14.33 8.51 5.36
N GLU A 221 15.00 7.49 4.82
CA GLU A 221 16.14 7.71 3.99
C GLU A 221 15.75 8.65 2.83
N ILE A 222 14.58 8.37 2.18
CA ILE A 222 14.16 9.17 1.05
C ILE A 222 13.79 10.60 1.52
N VAL A 223 13.04 10.66 2.60
CA VAL A 223 12.70 11.98 3.21
C VAL A 223 13.94 12.79 3.49
N ASN A 224 14.97 12.17 4.06
CA ASN A 224 16.24 12.93 4.33
C ASN A 224 16.94 13.47 3.10
N LEU A 225 16.78 12.77 1.98
CA LEU A 225 17.36 13.25 0.74
C LEU A 225 16.52 14.31 0.09
N LEU A 226 15.21 14.13 -0.01
CA LEU A 226 14.36 15.06 -0.71
C LEU A 226 14.27 16.39 0.07
N LYS A 227 14.37 16.28 1.37
CA LYS A 227 14.09 17.40 2.36
C LYS A 227 12.62 17.92 2.41
N THR A 228 12.00 18.22 1.27
CA THR A 228 10.56 18.40 1.23
C THR A 228 9.86 17.18 0.60
N GLY A 229 9.02 16.57 1.36
CA GLY A 229 8.13 15.52 0.89
C GLY A 229 8.83 14.17 1.02
N SER A 230 8.05 13.17 0.67
CA SER A 230 8.36 11.79 0.92
C SER A 230 8.47 11.06 -0.44
N ALA A 231 8.83 9.78 -0.35
CA ALA A 231 8.87 8.92 -1.56
C ALA A 231 7.51 8.91 -2.24
N PHE A 232 7.51 8.75 -3.58
CA PHE A 232 6.28 8.60 -4.31
C PHE A 232 6.32 7.63 -5.49
N TYR A 233 7.50 7.41 -6.10
CA TYR A 233 7.56 6.46 -7.21
C TYR A 233 7.36 5.07 -6.75
N ALA A 234 8.13 4.62 -5.78
CA ALA A 234 7.97 3.23 -5.28
C ALA A 234 6.60 2.99 -4.60
N PRO A 235 6.15 3.94 -3.79
CA PRO A 235 4.79 3.75 -3.25
C PRO A 235 3.74 3.64 -4.33
N ALA A 236 3.81 4.49 -5.37
CA ALA A 236 2.79 4.40 -6.42
C ALA A 236 2.90 3.05 -7.18
N ALA A 237 4.11 2.67 -7.59
CA ALA A 237 4.28 1.35 -8.31
C ALA A 237 3.73 0.22 -7.50
N SER A 238 3.97 0.21 -6.18
CA SER A 238 3.52 -0.84 -5.25
C SER A 238 1.98 -0.92 -5.29
N ALA A 239 1.31 0.22 -5.17
CA ALA A 239 -0.16 0.19 -5.12
C ALA A 239 -0.70 -0.23 -6.47
N ILE A 240 -0.08 0.17 -7.57
CA ILE A 240 -0.55 -0.21 -8.89
C ILE A 240 -0.42 -1.73 -9.07
N ALA A 241 0.61 -2.37 -8.50
CA ALA A 241 0.71 -3.82 -8.59
C ALA A 241 -0.49 -4.48 -7.95
N MET A 242 -0.92 -3.95 -6.82
CA MET A 242 -2.11 -4.44 -6.13
C MET A 242 -3.35 -4.24 -7.00
N ALA A 243 -3.51 -3.01 -7.51
CA ALA A 243 -4.67 -2.71 -8.35
C ALA A 243 -4.73 -3.58 -9.60
N GLU A 244 -3.61 -3.78 -10.23
CA GLU A 244 -3.57 -4.59 -11.43
CA GLU A 244 -3.56 -4.58 -11.42
C GLU A 244 -3.94 -6.04 -11.12
N SER A 245 -3.49 -6.55 -9.97
CA SER A 245 -3.85 -7.92 -9.63
C SER A 245 -5.36 -8.07 -9.50
N TYR A 246 -6.03 -7.07 -8.92
CA TYR A 246 -7.48 -7.07 -8.84
C TYR A 246 -8.16 -6.98 -10.20
N LEU A 247 -7.70 -5.99 -10.98
CA LEU A 247 -8.33 -5.70 -12.25
C LEU A 247 -8.21 -6.80 -13.28
N ARG A 248 -7.05 -7.46 -13.27
CA ARG A 248 -6.77 -8.53 -14.20
CA ARG A 248 -6.76 -8.51 -14.20
C ARG A 248 -6.90 -9.92 -13.60
N ASP A 249 -7.39 -10.01 -12.38
CA ASP A 249 -7.61 -11.27 -11.68
C ASP A 249 -6.34 -12.12 -11.73
N LYS A 250 -5.22 -11.50 -11.37
CA LYS A 250 -3.91 -12.19 -11.48
C LYS A 250 -3.64 -13.12 -10.34
N LYS A 251 -4.25 -12.89 -9.16
CA LYS A 251 -4.02 -13.68 -7.99
C LYS A 251 -2.55 -13.63 -7.57
N ARG A 252 -1.97 -12.42 -7.66
CA ARG A 252 -0.67 -12.18 -7.05
C ARG A 252 -0.72 -12.41 -5.56
N VAL A 253 0.40 -12.84 -4.99
CA VAL A 253 0.58 -13.01 -3.56
C VAL A 253 1.41 -11.86 -3.09
N LEU A 254 0.84 -10.88 -2.39
CA LEU A 254 1.44 -9.60 -2.09
C LEU A 254 1.25 -9.31 -0.61
N PRO A 255 2.27 -8.82 0.07
CA PRO A 255 2.11 -8.42 1.49
C PRO A 255 1.39 -7.07 1.55
N CYS A 256 0.21 -7.08 2.19
CA CYS A 256 -0.65 -5.94 2.23
C CYS A 256 -1.30 -5.87 3.63
N ALA A 257 -1.70 -4.67 4.06
CA ALA A 257 -2.48 -4.60 5.31
C ALA A 257 -3.91 -5.13 4.97
N ALA A 258 -4.28 -6.22 5.60
CA ALA A 258 -5.53 -6.93 5.28
C ALA A 258 -6.25 -7.29 6.54
N TYR A 259 -7.56 -7.39 6.44
CA TYR A 259 -8.40 -7.70 7.60
C TYR A 259 -8.26 -9.16 7.94
N LEU A 260 -7.91 -9.43 9.19
CA LEU A 260 -7.75 -10.81 9.66
C LEU A 260 -8.99 -11.24 10.41
N ASP A 261 -9.56 -12.34 9.92
N ASP A 261 -9.50 -12.42 10.11
CA ASP A 261 -10.67 -13.13 10.52
CA ASP A 261 -10.66 -12.98 10.82
C ASP A 261 -10.08 -14.40 11.18
C ASP A 261 -10.26 -14.26 11.52
N GLY A 262 -9.05 -14.27 12.03
CA GLY A 262 -8.47 -15.36 12.79
C GLY A 262 -7.15 -15.90 12.29
N GLN A 263 -6.79 -15.52 11.04
CA GLN A 263 -5.46 -15.90 10.53
C GLN A 263 -4.42 -15.22 11.38
N TYR A 264 -3.26 -15.86 11.52
CA TYR A 264 -2.17 -15.42 12.36
C TYR A 264 -2.57 -15.24 13.87
N GLY A 265 -3.67 -15.84 14.24
CA GLY A 265 -4.21 -15.78 15.55
C GLY A 265 -4.91 -14.48 15.87
N ILE A 266 -5.20 -13.67 14.86
CA ILE A 266 -5.72 -12.31 15.03
C ILE A 266 -7.12 -12.15 14.46
N ASP A 267 -8.02 -11.49 15.22
CA ASP A 267 -9.34 -11.25 14.74
C ASP A 267 -9.69 -9.79 14.85
N GLY A 268 -10.14 -9.22 13.75
CA GLY A 268 -10.70 -7.91 13.73
C GLY A 268 -9.75 -6.78 13.56
N LEU A 269 -8.53 -7.06 13.08
CA LEU A 269 -7.52 -6.03 12.91
C LEU A 269 -7.01 -6.12 11.46
N TYR A 270 -6.56 -5.00 10.95
CA TYR A 270 -5.76 -4.97 9.72
C TYR A 270 -4.33 -5.13 10.08
N VAL A 271 -3.65 -6.10 9.47
CA VAL A 271 -2.25 -6.38 9.70
C VAL A 271 -1.59 -6.72 8.34
N GLY A 272 -0.32 -6.36 8.21
CA GLY A 272 0.45 -6.65 7.00
C GLY A 272 0.73 -8.15 6.92
N VAL A 273 0.11 -8.80 5.92
CA VAL A 273 0.25 -10.21 5.71
C VAL A 273 0.25 -10.50 4.21
N PRO A 274 0.74 -11.69 3.81
CA PRO A 274 0.68 -12.02 2.38
C PRO A 274 -0.70 -12.44 1.98
N VAL A 275 -1.26 -11.78 0.99
CA VAL A 275 -2.60 -12.10 0.55
C VAL A 275 -2.64 -12.35 -0.97
N VAL A 276 -3.56 -13.21 -1.36
CA VAL A 276 -3.91 -13.44 -2.74
C VAL A 276 -4.93 -12.40 -3.15
N ILE A 277 -4.59 -11.57 -4.14
CA ILE A 277 -5.48 -10.55 -4.64
C ILE A 277 -5.99 -10.96 -6.01
N GLY A 278 -7.30 -11.15 -6.10
CA GLY A 278 -7.96 -11.38 -7.37
C GLY A 278 -9.21 -10.57 -7.54
N GLU A 279 -10.02 -11.01 -8.50
CA GLU A 279 -11.22 -10.23 -8.84
C GLU A 279 -12.24 -10.18 -7.73
N ASN A 280 -12.06 -11.05 -6.72
CA ASN A 280 -12.97 -11.00 -5.55
C ASN A 280 -12.33 -10.28 -4.37
N GLY A 281 -11.23 -9.56 -4.59
CA GLY A 281 -10.55 -8.86 -3.54
C GLY A 281 -9.49 -9.69 -2.85
N VAL A 282 -9.39 -9.61 -1.53
CA VAL A 282 -8.50 -10.47 -0.75
C VAL A 282 -9.16 -11.85 -0.75
N GLU A 283 -8.58 -12.78 -1.47
CA GLU A 283 -9.16 -14.10 -1.64
C GLU A 283 -8.71 -15.14 -0.61
N ARG A 284 -7.46 -15.04 -0.12
CA ARG A 284 -6.84 -15.98 0.82
C ARG A 284 -5.71 -15.25 1.46
N VAL A 285 -5.47 -15.56 2.74
CA VAL A 285 -4.28 -15.10 3.47
C VAL A 285 -3.34 -16.26 3.57
N LEU A 286 -2.05 -16.05 3.28
CA LEU A 286 -1.08 -17.10 3.43
C LEU A 286 -0.47 -16.97 4.83
N GLU A 287 -0.80 -17.93 5.73
CA GLU A 287 -0.33 -17.93 7.07
C GLU A 287 0.85 -18.86 7.26
N VAL A 288 2.04 -18.27 7.31
CA VAL A 288 3.23 -19.04 7.49
C VAL A 288 3.44 -19.47 8.95
N THR A 289 4.31 -20.45 9.12
CA THR A 289 4.75 -20.93 10.44
C THR A 289 6.00 -20.22 10.89
N PHE A 290 5.92 -19.54 12.01
CA PHE A 290 7.03 -18.75 12.55
C PHE A 290 7.99 -19.57 13.37
N ASN A 291 9.27 -19.19 13.30
CA ASN A 291 10.22 -19.53 14.40
C ASN A 291 10.06 -18.58 15.61
N ASP A 292 10.84 -18.83 16.68
CA ASP A 292 10.61 -18.05 17.88
C ASP A 292 10.85 -16.57 17.78
N ASP A 293 11.95 -16.19 17.16
CA ASP A 293 12.29 -14.80 16.98
C ASP A 293 11.19 -14.08 16.16
N GLU A 294 10.70 -14.79 15.14
CA GLU A 294 9.68 -14.19 14.31
C GLU A 294 8.36 -14.04 15.01
N LYS A 295 7.93 -15.05 15.76
N LYS A 295 7.96 -15.06 15.73
CA LYS A 295 6.68 -14.97 16.54
CA LYS A 295 6.76 -15.05 16.53
C LYS A 295 6.74 -13.78 17.50
C LYS A 295 6.75 -13.84 17.50
N ALA A 296 7.89 -13.59 18.16
CA ALA A 296 8.01 -12.48 19.08
C ALA A 296 7.99 -11.13 18.35
N MET A 297 8.64 -11.06 17.21
CA MET A 297 8.62 -9.86 16.39
C MET A 297 7.21 -9.53 15.91
N PHE A 298 6.47 -10.56 15.48
CA PHE A 298 5.10 -10.38 14.97
C PHE A 298 4.18 -9.90 16.10
N GLU A 299 4.35 -10.50 17.27
CA GLU A 299 3.48 -10.14 18.40
C GLU A 299 3.73 -8.70 18.79
N LYS A 300 4.98 -8.28 18.78
CA LYS A 300 5.29 -6.89 19.04
C LYS A 300 4.70 -5.96 18.05
N SER A 301 4.76 -6.35 16.78
CA SER A 301 4.23 -5.55 15.76
C SER A 301 2.70 -5.48 15.85
N VAL A 302 2.05 -6.60 16.14
CA VAL A 302 0.54 -6.54 16.31
C VAL A 302 0.14 -5.72 17.55
N ASN A 303 0.95 -5.78 18.59
CA ASN A 303 0.69 -4.90 19.79
C ASN A 303 0.78 -3.45 19.45
N SER A 304 1.71 -3.09 18.56
CA SER A 304 1.78 -1.75 18.08
C SER A 304 0.51 -1.33 17.31
N VAL A 305 0.03 -2.19 16.40
CA VAL A 305 -1.23 -1.95 15.77
C VAL A 305 -2.40 -1.80 16.75
N LYS A 306 -2.48 -2.71 17.71
CA LYS A 306 -3.57 -2.62 18.74
C LYS A 306 -3.54 -1.26 19.42
N GLY A 307 -2.34 -0.80 19.73
CA GLY A 307 -2.11 0.55 20.34
C GLY A 307 -2.65 1.68 19.51
N LEU A 308 -2.39 1.61 18.21
CA LEU A 308 -2.93 2.59 17.28
C LEU A 308 -4.45 2.62 17.17
N ILE A 309 -5.06 1.43 17.16
CA ILE A 309 -6.47 1.31 17.04
C ILE A 309 -7.12 1.89 18.36
N GLU A 310 -6.56 1.53 19.51
CA GLU A 310 -6.99 2.12 20.81
C GLU A 310 -6.98 3.64 20.68
N ALA A 311 -5.91 4.21 20.19
CA ALA A 311 -5.86 5.68 20.01
C ALA A 311 -6.90 6.24 19.07
N CYS A 312 -7.18 5.51 17.98
CA CYS A 312 -8.27 5.91 17.09
C CYS A 312 -9.60 5.94 17.82
N LYS A 313 -9.90 4.85 18.52
CA LYS A 313 -11.16 4.71 19.21
C LYS A 313 -11.30 5.81 20.26
N SER A 314 -10.22 6.17 20.92
CA SER A 314 -10.27 7.18 21.97
C SER A 314 -10.64 8.56 21.40
N VAL A 315 -10.37 8.79 20.11
CA VAL A 315 -10.72 10.06 19.46
C VAL A 315 -11.88 9.97 18.44
N ASN A 316 -12.72 8.95 18.48
CA ASN A 316 -13.87 8.85 17.55
C ASN A 316 -14.95 7.87 18.01
N ASP A 317 -16.14 8.42 18.27
CA ASP A 317 -17.29 7.65 18.79
C ASP A 317 -17.67 6.47 17.87
N LYS A 318 -17.89 6.78 16.57
CA LYS A 318 -18.25 5.80 15.53
C LYS A 318 -17.34 4.52 15.54
N LEU A 319 -16.04 4.73 15.79
CA LEU A 319 -15.05 3.66 15.98
C LEU A 319 -15.01 3.28 17.47
CA CA B . -3.84 -20.50 11.84
CA CA C . 11.17 -8.23 -17.89
#